data_9BI8
#
_entry.id   9BI8
#
_cell.length_a   45.300
_cell.length_b   75.860
_cell.length_c   86.870
_cell.angle_alpha   90.000
_cell.angle_beta   98.400
_cell.angle_gamma   90.000
#
_symmetry.space_group_name_H-M   'P 1 21 1'
#
loop_
_entity.id
_entity.type
_entity.pdbx_description
1 polymer 'Mitogen-activated protein kinase kinase kinase kinase 1'
2 non-polymer '(3R,4S)-4-methyloxolan-3-yl [(6P)-8-amino-7-fluoro-6-(8-methyl-2,3-dihydro-1H-pyrido[2,3-b][1,4]oxazin-7-yl)isoquinolin-3-yl]carbamate'
3 non-polymer 'DIMETHYL SULFOXIDE'
4 non-polymer 'SODIUM ION'
5 water water
#
_entity_poly.entity_id   1
_entity_poly.type   'polypeptide(L)'
_entity_poly.pdbx_seq_one_letter_code
;MHHHHHHGENLYFQGSDVVDPDIFNRDPRDHYDLLQRLGGGTYGEVFKARDKVSGDLVALKMVKMEPDDDVSTLQKEILI
LKTCRHANIVAYHGSYLWLQKLWICMEFCGAGSLQDIYQVTGSLSELQISYVCREVLQGLAYLHSQKKIHRDIKGANILI
NDAGEVRLADFGISAQIGAELARRLEFIGTPYWMAPEVAAVALKGGYNELCDIWSLGITAIELAELQPPLFDVHPLRVLF
LMTKSGYQPPRLKEKGKWSAAFHNFIKVTLTKSPKKRPSATKMLSHQLVSQPGLNRGLILDLLDKLKNGNS
;
_entity_poly.pdbx_strand_id   A,B
#
# COMPACT_ATOMS: atom_id res chain seq x y z
N PRO A 21 7.95 19.70 -27.59
CA PRO A 21 6.55 19.28 -27.75
C PRO A 21 5.57 20.46 -27.69
N ASP A 22 6.09 21.66 -27.47
CA ASP A 22 5.30 22.88 -27.43
C ASP A 22 4.15 22.75 -26.43
N ILE A 23 4.53 22.72 -25.16
CA ILE A 23 3.58 22.75 -24.05
C ILE A 23 3.39 24.21 -23.65
N PHE A 24 2.14 24.67 -23.68
CA PHE A 24 1.86 26.08 -23.43
C PHE A 24 2.26 26.48 -22.01
N ASN A 25 2.94 27.62 -21.90
CA ASN A 25 3.23 28.22 -20.59
C ASN A 25 2.24 29.33 -20.29
N ARG A 26 0.95 29.01 -20.37
CA ARG A 26 -0.12 29.96 -20.16
C ARG A 26 -1.17 29.36 -19.24
N ASP A 27 -1.87 30.22 -18.51
CA ASP A 27 -3.04 29.81 -17.74
C ASP A 27 -4.06 29.24 -18.72
N PRO A 28 -4.39 27.94 -18.64
CA PRO A 28 -5.34 27.38 -19.62
C PRO A 28 -6.68 28.08 -19.61
N ARG A 29 -7.06 28.70 -18.49
CA ARG A 29 -8.28 29.48 -18.45
C ARG A 29 -8.22 30.70 -19.35
N ASP A 30 -7.04 31.04 -19.86
CA ASP A 30 -6.94 32.05 -20.92
C ASP A 30 -7.61 31.61 -22.20
N HIS A 31 -7.78 30.30 -22.40
CA HIS A 31 -8.33 29.76 -23.63
C HIS A 31 -9.63 28.99 -23.46
N TYR A 32 -9.89 28.45 -22.26
CA TYR A 32 -11.07 27.65 -22.01
C TYR A 32 -11.82 28.17 -20.80
N ASP A 33 -13.09 27.78 -20.71
CA ASP A 33 -13.92 28.05 -19.54
C ASP A 33 -14.35 26.73 -18.93
N LEU A 34 -14.00 26.52 -17.67
CA LEU A 34 -14.45 25.32 -16.97
C LEU A 34 -15.96 25.35 -16.79
N LEU A 35 -16.59 24.22 -17.03
CA LEU A 35 -18.04 24.10 -16.89
C LEU A 35 -18.46 23.09 -15.84
N GLN A 36 -17.74 21.99 -15.69
CA GLN A 36 -18.20 20.91 -14.83
C GLN A 36 -17.06 19.99 -14.45
N ARG A 37 -16.93 19.71 -13.17
CA ARG A 37 -15.98 18.72 -12.69
C ARG A 37 -16.49 17.31 -12.99
N LEU A 38 -15.58 16.43 -13.38
CA LEU A 38 -15.94 15.08 -13.83
C LEU A 38 -15.34 14.04 -12.89
N GLY A 39 -16.12 13.01 -12.60
CA GLY A 39 -15.65 11.83 -11.91
C GLY A 39 -15.99 11.75 -10.44
N GLY A 40 -16.37 12.86 -9.83
CA GLY A 40 -16.61 12.85 -8.40
C GLY A 40 -15.39 12.50 -7.58
N GLY A 41 -14.20 12.82 -8.08
CA GLY A 41 -12.96 12.53 -7.42
C GLY A 41 -12.25 11.29 -7.92
N THR A 42 -12.99 10.39 -8.59
CA THR A 42 -12.37 9.16 -9.07
C THR A 42 -11.40 9.41 -10.21
N TYR A 43 -11.58 10.51 -10.96
CA TYR A 43 -10.67 10.89 -12.02
C TYR A 43 -9.62 11.91 -11.57
N GLY A 44 -9.69 12.37 -10.32
CA GLY A 44 -8.86 13.47 -9.89
C GLY A 44 -9.51 14.80 -10.23
N GLU A 45 -8.70 15.78 -10.63
CA GLU A 45 -9.19 17.10 -11.00
C GLU A 45 -9.32 17.14 -12.51
N VAL A 46 -10.52 16.84 -13.00
CA VAL A 46 -10.81 16.77 -14.43
C VAL A 46 -12.09 17.56 -14.68
N PHE A 47 -12.07 18.40 -15.71
CA PHE A 47 -13.15 19.35 -15.95
C PHE A 47 -13.64 19.26 -17.39
N LYS A 48 -14.96 19.34 -17.56
CA LYS A 48 -15.53 19.68 -18.86
C LYS A 48 -15.31 21.17 -19.11
N ALA A 49 -14.78 21.50 -20.28
CA ALA A 49 -14.42 22.87 -20.61
C ALA A 49 -14.93 23.21 -22.01
N ARG A 50 -14.93 24.51 -22.31
CA ARG A 50 -15.44 25.03 -23.57
C ARG A 50 -14.41 25.97 -24.17
N ASP A 51 -13.91 25.62 -25.35
CA ASP A 51 -13.00 26.49 -26.07
C ASP A 51 -13.64 27.86 -26.28
N LYS A 52 -13.08 28.89 -25.65
CA LYS A 52 -13.68 30.22 -25.75
C LYS A 52 -13.82 30.66 -27.19
N VAL A 53 -12.81 30.39 -28.01
CA VAL A 53 -12.84 30.83 -29.41
C VAL A 53 -13.81 29.97 -30.21
N SER A 54 -13.56 28.66 -30.26
CA SER A 54 -14.32 27.77 -31.12
C SER A 54 -15.55 27.18 -30.46
N GLY A 55 -15.69 27.30 -29.14
CA GLY A 55 -16.81 26.71 -28.45
C GLY A 55 -16.76 25.20 -28.34
N ASP A 56 -15.70 24.56 -28.84
CA ASP A 56 -15.58 23.11 -28.74
C ASP A 56 -15.47 22.67 -27.29
N LEU A 57 -16.04 21.51 -27.01
CA LEU A 57 -16.00 20.94 -25.66
C LEU A 57 -14.80 20.03 -25.53
N VAL A 58 -14.02 20.22 -24.46
CA VAL A 58 -12.82 19.44 -24.20
C VAL A 58 -12.84 18.99 -22.75
N ALA A 59 -11.89 18.12 -22.40
CA ALA A 59 -11.68 17.68 -21.03
C ALA A 59 -10.28 18.10 -20.61
N LEU A 60 -10.20 18.86 -19.52
CA LEU A 60 -8.93 19.35 -18.99
C LEU A 60 -8.64 18.60 -17.70
N LYS A 61 -7.50 17.90 -17.66
CA LYS A 61 -7.06 17.20 -16.47
C LYS A 61 -5.91 17.96 -15.83
N MET A 62 -6.02 18.24 -14.53
CA MET A 62 -5.04 19.00 -13.79
C MET A 62 -4.20 18.06 -12.94
N VAL A 63 -2.92 17.92 -13.29
CA VAL A 63 -1.98 17.12 -12.52
C VAL A 63 -1.10 18.09 -11.74
N LYS A 64 -1.31 18.18 -10.43
CA LYS A 64 -0.48 19.03 -9.58
C LYS A 64 0.99 18.65 -9.77
N MET A 65 1.83 19.68 -9.90
CA MET A 65 3.25 19.48 -10.17
C MET A 65 4.05 19.71 -8.90
N GLU A 66 4.90 18.74 -8.56
CA GLU A 66 5.79 18.93 -7.42
C GLU A 66 7.08 19.63 -7.90
N PRO A 67 7.74 20.40 -7.02
CA PRO A 67 9.02 20.98 -7.42
C PRO A 67 10.04 19.93 -7.83
N ASP A 68 9.91 18.70 -7.33
CA ASP A 68 10.86 17.65 -7.68
C ASP A 68 10.66 17.14 -9.10
N ASP A 69 9.46 17.29 -9.67
CA ASP A 69 9.16 16.76 -10.98
C ASP A 69 9.99 17.49 -12.04
N ASP A 70 10.95 16.79 -12.63
CA ASP A 70 11.81 17.39 -13.64
C ASP A 70 11.01 17.66 -14.91
N VAL A 71 10.94 18.94 -15.31
CA VAL A 71 10.21 19.30 -16.51
C VAL A 71 10.85 18.71 -17.76
N SER A 72 12.14 18.35 -17.70
CA SER A 72 12.77 17.68 -18.83
C SER A 72 12.11 16.34 -19.11
N THR A 73 11.85 15.55 -18.06
CA THR A 73 11.16 14.29 -18.25
C THR A 73 9.75 14.49 -18.77
N LEU A 74 9.02 15.46 -18.21
CA LEU A 74 7.67 15.76 -18.68
C LEU A 74 7.66 15.95 -20.19
N GLN A 75 8.60 16.76 -20.70
CA GLN A 75 8.61 17.06 -22.13
C GLN A 75 8.71 15.78 -22.96
N LYS A 76 9.51 14.81 -22.51
CA LYS A 76 9.65 13.56 -23.25
C LYS A 76 8.33 12.78 -23.25
N GLU A 77 7.67 12.70 -22.10
CA GLU A 77 6.43 11.94 -22.00
C GLU A 77 5.31 12.59 -22.81
N ILE A 78 5.23 13.92 -22.80
CA ILE A 78 4.18 14.60 -23.55
C ILE A 78 4.37 14.39 -25.04
N LEU A 79 5.61 14.47 -25.53
CA LEU A 79 5.87 14.21 -26.94
C LEU A 79 5.30 12.87 -27.35
N ILE A 80 5.47 11.84 -26.53
CA ILE A 80 4.94 10.52 -26.84
C ILE A 80 3.42 10.58 -26.94
N LEU A 81 2.77 11.30 -26.01
CA LEU A 81 1.32 11.41 -26.05
C LEU A 81 0.85 12.19 -27.26
N LYS A 82 1.57 13.26 -27.62
CA LYS A 82 1.17 14.08 -28.76
C LYS A 82 1.22 13.29 -30.06
N THR A 83 2.22 12.43 -30.20
CA THR A 83 2.41 11.68 -31.44
C THR A 83 1.61 10.39 -31.50
N CYS A 84 0.80 10.10 -30.47
CA CYS A 84 0.03 8.85 -30.46
C CYS A 84 -1.09 8.91 -31.49
N ARG A 85 -1.20 7.84 -32.29
CA ARG A 85 -2.24 7.73 -33.31
C ARG A 85 -3.15 6.52 -33.09
N HIS A 86 -3.08 5.88 -31.93
CA HIS A 86 -3.84 4.66 -31.70
C HIS A 86 -5.31 4.98 -31.51
N ALA A 87 -6.17 4.26 -32.24
CA ALA A 87 -7.61 4.52 -32.21
C ALA A 87 -8.24 4.23 -30.86
N ASN A 88 -7.54 3.53 -29.97
CA ASN A 88 -8.10 3.13 -28.68
C ASN A 88 -7.47 3.90 -27.51
N ILE A 89 -6.81 5.01 -27.79
CA ILE A 89 -6.23 5.87 -26.76
C ILE A 89 -6.91 7.23 -26.86
N VAL A 90 -7.27 7.79 -25.70
CA VAL A 90 -7.94 9.08 -25.68
C VAL A 90 -7.06 10.10 -26.40
N ALA A 91 -7.71 10.99 -27.16
CA ALA A 91 -6.99 11.91 -28.03
C ALA A 91 -6.36 13.03 -27.21
N TYR A 92 -5.09 13.30 -27.49
CA TYR A 92 -4.38 14.42 -26.87
C TYR A 92 -4.46 15.63 -27.78
N HIS A 93 -4.89 16.77 -27.22
CA HIS A 93 -5.02 18.01 -27.97
C HIS A 93 -4.00 19.06 -27.59
N GLY A 94 -3.32 18.90 -26.47
CA GLY A 94 -2.37 19.90 -26.00
C GLY A 94 -2.26 19.88 -24.50
N SER A 95 -1.32 20.67 -23.99
CA SER A 95 -1.05 20.72 -22.56
C SER A 95 -0.62 22.12 -22.16
N TYR A 96 -0.75 22.40 -20.87
CA TYR A 96 -0.42 23.71 -20.31
C TYR A 96 0.40 23.53 -19.03
N LEU A 97 1.31 24.48 -18.79
CA LEU A 97 2.03 24.59 -17.53
C LEU A 97 1.75 25.98 -16.97
N TRP A 98 1.26 26.05 -15.74
CA TRP A 98 0.97 27.33 -15.12
C TRP A 98 0.89 27.13 -13.61
N LEU A 99 1.75 27.84 -12.88
CA LEU A 99 1.79 27.78 -11.42
C LEU A 99 1.97 26.34 -10.93
N GLN A 100 2.97 25.67 -11.51
CA GLN A 100 3.31 24.30 -11.11
C GLN A 100 2.09 23.39 -11.15
N LYS A 101 1.24 23.60 -12.15
CA LYS A 101 0.03 22.80 -12.35
C LYS A 101 -0.06 22.45 -13.82
N LEU A 102 0.11 21.17 -14.15
CA LEU A 102 0.06 20.70 -15.52
C LEU A 102 -1.37 20.35 -15.91
N TRP A 103 -1.82 20.92 -17.02
CA TRP A 103 -3.14 20.65 -17.57
C TRP A 103 -3.00 19.93 -18.91
N ILE A 104 -3.82 18.90 -19.12
CA ILE A 104 -3.82 18.13 -20.36
C ILE A 104 -5.20 18.25 -20.98
N CYS A 105 -5.24 18.69 -22.23
CA CYS A 105 -6.49 18.88 -22.96
C CYS A 105 -6.73 17.66 -23.85
N MET A 106 -7.88 17.02 -23.69
CA MET A 106 -8.25 15.85 -24.47
C MET A 106 -9.67 16.02 -24.99
N GLU A 107 -10.11 15.06 -25.79
CA GLU A 107 -11.48 15.03 -26.26
C GLU A 107 -12.43 14.86 -25.07
N PHE A 108 -13.62 15.44 -25.19
CA PHE A 108 -14.68 15.28 -24.21
C PHE A 108 -15.69 14.26 -24.73
N CYS A 109 -16.03 13.29 -23.90
CA CYS A 109 -16.94 12.22 -24.26
C CYS A 109 -18.30 12.50 -23.62
N GLY A 110 -19.26 12.92 -24.45
CA GLY A 110 -20.59 13.21 -23.93
C GLY A 110 -21.22 12.00 -23.25
N ALA A 111 -20.96 10.81 -23.79
CA ALA A 111 -21.50 9.60 -23.16
C ALA A 111 -20.77 9.27 -21.87
N GLY A 112 -19.51 9.68 -21.76
CA GLY A 112 -18.73 9.42 -20.56
C GLY A 112 -18.09 8.04 -20.56
N SER A 113 -18.04 7.41 -19.40
CA SER A 113 -17.49 6.07 -19.27
C SER A 113 -18.57 5.02 -19.46
N LEU A 114 -18.14 3.76 -19.59
CA LEU A 114 -19.10 2.68 -19.67
C LEU A 114 -19.94 2.58 -18.41
N GLN A 115 -19.37 2.97 -17.26
CA GLN A 115 -20.15 2.96 -16.02
C GLN A 115 -21.29 3.97 -16.09
N ASP A 116 -21.01 5.19 -16.57
CA ASP A 116 -22.07 6.15 -16.76
C ASP A 116 -23.15 5.62 -17.69
N ILE A 117 -22.77 4.74 -18.63
CA ILE A 117 -23.72 4.28 -19.63
C ILE A 117 -24.55 3.11 -19.10
N TYR A 118 -23.91 2.06 -18.59
CA TYR A 118 -24.69 0.90 -18.16
C TYR A 118 -25.52 1.20 -16.92
N GLN A 119 -25.18 2.27 -16.19
CA GLN A 119 -26.06 2.73 -15.11
C GLN A 119 -27.40 3.23 -15.64
N VAL A 120 -27.49 3.48 -16.96
CA VAL A 120 -28.75 3.84 -17.61
C VAL A 120 -29.24 2.71 -18.50
N THR A 121 -28.46 2.34 -19.52
CA THR A 121 -28.89 1.32 -20.46
C THR A 121 -29.02 -0.06 -19.82
N GLY A 122 -28.34 -0.29 -18.71
CA GLY A 122 -28.37 -1.59 -18.08
C GLY A 122 -27.30 -2.52 -18.63
N SER A 123 -27.52 -3.81 -18.41
CA SER A 123 -26.55 -4.81 -18.81
C SER A 123 -26.24 -4.72 -20.30
N LEU A 124 -24.96 -4.77 -20.64
CA LEU A 124 -24.53 -4.78 -22.02
C LEU A 124 -24.65 -6.19 -22.60
N SER A 125 -24.90 -6.26 -23.90
CA SER A 125 -24.98 -7.55 -24.57
C SER A 125 -23.61 -8.20 -24.65
N GLU A 126 -23.61 -9.52 -24.89
CA GLU A 126 -22.34 -10.24 -25.00
C GLU A 126 -21.49 -9.70 -26.14
N LEU A 127 -22.11 -9.40 -27.28
CA LEU A 127 -21.36 -8.85 -28.41
C LEU A 127 -20.80 -7.49 -28.08
N GLN A 128 -21.61 -6.62 -27.47
CA GLN A 128 -21.12 -5.31 -27.05
C GLN A 128 -19.95 -5.45 -26.09
N ILE A 129 -20.08 -6.33 -25.09
CA ILE A 129 -18.96 -6.58 -24.19
C ILE A 129 -17.78 -7.13 -24.96
N SER A 130 -18.04 -7.97 -25.97
CA SER A 130 -16.95 -8.52 -26.78
C SER A 130 -16.24 -7.41 -27.54
N TYR A 131 -16.99 -6.49 -28.14
CA TYR A 131 -16.38 -5.37 -28.84
C TYR A 131 -15.54 -4.52 -27.89
N VAL A 132 -16.07 -4.25 -26.70
CA VAL A 132 -15.34 -3.45 -25.72
C VAL A 132 -14.03 -4.12 -25.35
N CYS A 133 -14.08 -5.43 -25.09
CA CYS A 133 -12.88 -6.15 -24.68
C CYS A 133 -11.83 -6.14 -25.79
N ARG A 134 -12.24 -6.36 -27.03
CA ARG A 134 -11.30 -6.32 -28.14
C ARG A 134 -10.64 -4.95 -28.23
N GLU A 135 -11.43 -3.89 -28.14
CA GLU A 135 -10.89 -2.55 -28.28
C GLU A 135 -9.97 -2.19 -27.11
N VAL A 136 -10.34 -2.60 -25.90
CA VAL A 136 -9.49 -2.33 -24.74
C VAL A 136 -8.19 -3.11 -24.85
N LEU A 137 -8.26 -4.37 -25.30
CA LEU A 137 -7.05 -5.16 -25.51
C LEU A 137 -6.11 -4.48 -26.50
N GLN A 138 -6.66 -4.04 -27.65
CA GLN A 138 -5.85 -3.32 -28.62
C GLN A 138 -5.15 -2.13 -27.97
N GLY A 139 -5.88 -1.39 -27.13
CA GLY A 139 -5.27 -0.27 -26.44
C GLY A 139 -4.25 -0.71 -25.40
N LEU A 140 -4.59 -1.76 -24.64
CA LEU A 140 -3.65 -2.27 -23.65
C LEU A 140 -2.35 -2.72 -24.31
N ALA A 141 -2.46 -3.39 -25.46
CA ALA A 141 -1.24 -3.84 -26.15
C ALA A 141 -0.39 -2.67 -26.59
N TYR A 142 -1.01 -1.55 -26.96
CA TYR A 142 -0.24 -0.36 -27.31
C TYR A 142 0.46 0.21 -26.09
N LEU A 143 -0.26 0.33 -24.96
CA LEU A 143 0.37 0.80 -23.74
C LEU A 143 1.49 -0.13 -23.31
N HIS A 144 1.22 -1.43 -23.25
CA HIS A 144 2.25 -2.38 -22.84
C HIS A 144 3.45 -2.35 -23.77
N SER A 145 3.22 -2.13 -25.07
CA SER A 145 4.34 -2.03 -26.00
C SER A 145 5.24 -0.85 -25.67
N GLN A 146 4.75 0.13 -24.92
CA GLN A 146 5.56 1.24 -24.44
C GLN A 146 6.04 1.02 -23.01
N LYS A 147 6.02 -0.23 -22.54
CA LYS A 147 6.39 -0.56 -21.16
C LYS A 147 5.57 0.25 -20.16
N LYS A 148 4.33 0.58 -20.53
CA LYS A 148 3.39 1.26 -19.65
C LYS A 148 2.40 0.25 -19.07
N ILE A 149 1.85 0.60 -17.90
CA ILE A 149 0.82 -0.20 -17.25
C ILE A 149 -0.33 0.74 -16.90
N HIS A 150 -1.55 0.32 -17.23
CA HIS A 150 -2.71 1.17 -16.94
C HIS A 150 -3.01 1.18 -15.44
N ARG A 151 -3.15 -0.01 -14.85
CA ARG A 151 -3.32 -0.24 -13.42
C ARG A 151 -4.73 -0.03 -12.89
N ASP A 152 -5.59 0.62 -13.69
CA ASP A 152 -6.96 0.90 -13.22
C ASP A 152 -7.98 0.66 -14.34
N ILE A 153 -7.91 -0.52 -14.96
CA ILE A 153 -8.92 -0.89 -15.93
C ILE A 153 -10.23 -1.17 -15.20
N LYS A 154 -11.31 -0.53 -15.65
CA LYS A 154 -12.63 -0.69 -15.06
C LYS A 154 -13.63 0.11 -15.88
N GLY A 155 -14.90 -0.18 -15.68
CA GLY A 155 -15.93 0.48 -16.49
C GLY A 155 -15.87 1.98 -16.40
N ALA A 156 -15.52 2.51 -15.23
CA ALA A 156 -15.48 3.96 -15.04
C ALA A 156 -14.36 4.62 -15.83
N ASN A 157 -13.33 3.85 -16.22
CA ASN A 157 -12.17 4.40 -16.89
C ASN A 157 -12.09 4.03 -18.37
N ILE A 158 -13.11 3.36 -18.91
CA ILE A 158 -13.20 3.08 -20.34
C ILE A 158 -14.22 4.05 -20.92
N LEU A 159 -13.78 4.89 -21.86
CA LEU A 159 -14.59 5.99 -22.35
C LEU A 159 -15.15 5.70 -23.74
N ILE A 160 -16.39 6.13 -23.95
CA ILE A 160 -17.05 6.02 -25.25
C ILE A 160 -17.25 7.44 -25.77
N ASN A 161 -16.55 7.78 -26.84
CA ASN A 161 -16.69 9.12 -27.40
C ASN A 161 -17.96 9.19 -28.27
N ASP A 162 -18.29 10.41 -28.70
CA ASP A 162 -19.54 10.62 -29.43
C ASP A 162 -19.60 9.84 -30.73
N ALA A 163 -18.47 9.32 -31.21
CA ALA A 163 -18.43 8.52 -32.43
C ALA A 163 -18.47 7.02 -32.15
N GLY A 164 -18.62 6.62 -30.89
CA GLY A 164 -18.70 5.20 -30.56
C GLY A 164 -17.38 4.49 -30.51
N GLU A 165 -16.28 5.21 -30.29
CA GLU A 165 -14.97 4.60 -30.17
C GLU A 165 -14.65 4.30 -28.71
N VAL A 166 -14.11 3.11 -28.46
CA VAL A 166 -13.69 2.70 -27.13
C VAL A 166 -12.25 3.11 -26.95
N ARG A 167 -11.96 3.88 -25.89
CA ARG A 167 -10.63 4.43 -25.69
C ARG A 167 -10.24 4.37 -24.23
N LEU A 168 -8.95 4.17 -23.99
CA LEU A 168 -8.35 4.32 -22.68
C LEU A 168 -7.56 5.62 -22.64
N ALA A 169 -7.50 6.24 -21.46
CA ALA A 169 -6.70 7.44 -21.27
C ALA A 169 -5.26 7.04 -20.96
N ASP A 170 -4.32 7.62 -21.71
CA ASP A 170 -2.89 7.37 -21.51
C ASP A 170 -2.33 8.50 -20.65
N PHE A 171 -2.17 8.23 -19.36
CA PHE A 171 -1.57 9.18 -18.42
C PHE A 171 -0.19 8.70 -17.95
N GLY A 172 0.53 8.02 -18.82
CA GLY A 172 1.88 7.58 -18.50
C GLY A 172 2.85 8.74 -18.40
N ILE A 173 2.75 9.51 -17.32
CA ILE A 173 3.66 10.62 -17.07
C ILE A 173 4.08 10.55 -15.61
N SER A 174 5.37 10.84 -15.36
CA SER A 174 5.92 10.66 -14.02
C SER A 174 5.15 11.48 -12.99
N ALA A 175 4.68 12.67 -13.37
CA ALA A 175 3.97 13.51 -12.40
C ALA A 175 2.67 12.87 -11.95
N GLN A 176 2.01 12.12 -12.83
CA GLN A 176 0.79 11.42 -12.44
C GLN A 176 1.12 10.19 -11.61
N ILE A 177 2.07 9.37 -12.07
CA ILE A 177 2.49 8.21 -11.29
C ILE A 177 3.05 8.65 -9.95
N GLY A 178 3.72 9.80 -9.91
CA GLY A 178 4.21 10.31 -8.64
C GLY A 178 3.08 10.63 -7.67
N ALA A 179 1.98 11.19 -8.18
CA ALA A 179 0.83 11.48 -7.32
C ALA A 179 0.22 10.19 -6.79
N GLU A 180 0.05 9.19 -7.64
CA GLU A 180 -0.48 7.91 -7.18
C GLU A 180 0.43 7.30 -6.11
N LEU A 181 1.74 7.28 -6.37
CA LEU A 181 2.69 6.76 -5.40
C LEU A 181 2.77 7.62 -4.15
N ALA A 182 2.35 8.88 -4.21
CA ALA A 182 2.29 9.70 -3.01
C ALA A 182 1.24 9.17 -2.05
N ARG A 183 0.11 8.69 -2.58
CA ARG A 183 -0.88 8.04 -1.73
C ARG A 183 -0.39 6.68 -1.25
N ARG A 184 0.42 5.99 -2.07
CA ARG A 184 0.97 4.71 -1.64
C ARG A 184 1.91 4.87 -0.45
N LEU A 185 2.53 6.04 -0.28
CA LEU A 185 3.40 6.27 0.86
C LEU A 185 2.60 6.45 2.15
N GLU A 186 1.48 7.18 2.07
CA GLU A 186 0.57 7.25 3.22
C GLU A 186 0.05 5.88 3.62
N PHE A 187 0.07 4.92 2.68
CA PHE A 187 -0.46 3.59 2.95
C PHE A 187 0.55 2.71 3.68
N ILE A 188 1.82 2.76 3.27
CA ILE A 188 2.84 1.90 3.85
C ILE A 188 3.50 2.50 5.09
N GLY A 189 3.48 3.82 5.24
CA GLY A 189 4.07 4.46 6.39
C GLY A 189 5.46 5.00 6.11
N THR A 190 6.19 5.27 7.19
CA THR A 190 7.52 5.86 7.06
C THR A 190 8.50 4.84 6.47
N PRO A 191 9.42 5.27 5.61
CA PRO A 191 10.27 4.30 4.90
C PRO A 191 11.69 4.18 5.42
N TYR A 192 12.09 5.07 6.32
CA TYR A 192 13.51 5.16 6.67
C TYR A 192 14.05 3.84 7.22
N TRP A 193 13.21 3.03 7.87
CA TRP A 193 13.65 1.77 8.45
C TRP A 193 13.39 0.57 7.56
N MET A 194 12.82 0.77 6.36
CA MET A 194 12.41 -0.34 5.52
C MET A 194 13.60 -0.96 4.80
N ALA A 195 13.54 -2.27 4.63
CA ALA A 195 14.56 -2.97 3.86
C ALA A 195 14.40 -2.69 2.38
N PRO A 196 15.46 -2.88 1.60
CA PRO A 196 15.35 -2.59 0.15
C PRO A 196 14.25 -3.40 -0.52
N GLU A 197 14.09 -4.67 -0.15
CA GLU A 197 13.05 -5.49 -0.77
C GLU A 197 11.66 -5.01 -0.39
N VAL A 198 11.51 -4.43 0.81
CA VAL A 198 10.22 -3.88 1.20
C VAL A 198 9.94 -2.61 0.42
N ALA A 199 10.94 -1.74 0.30
CA ALA A 199 10.76 -0.51 -0.47
C ALA A 199 10.46 -0.82 -1.94
N ALA A 200 11.18 -1.79 -2.52
CA ALA A 200 10.95 -2.15 -3.91
C ALA A 200 9.54 -2.69 -4.12
N VAL A 201 9.09 -3.57 -3.23
CA VAL A 201 7.74 -4.12 -3.35
C VAL A 201 6.70 -3.02 -3.20
N ALA A 202 6.82 -2.20 -2.16
CA ALA A 202 5.84 -1.14 -1.94
C ALA A 202 5.77 -0.20 -3.13
N LEU A 203 6.93 0.14 -3.70
CA LEU A 203 6.94 1.06 -4.85
C LEU A 203 6.17 0.46 -6.02
N LYS A 204 6.63 -0.68 -6.54
CA LYS A 204 5.92 -1.35 -7.62
C LYS A 204 4.46 -1.58 -7.26
N GLY A 205 4.21 -2.04 -6.04
CA GLY A 205 2.84 -2.26 -5.60
C GLY A 205 2.18 -3.48 -6.19
N GLY A 206 2.96 -4.46 -6.65
CA GLY A 206 2.42 -5.61 -7.33
C GLY A 206 1.91 -5.36 -8.73
N TYR A 207 1.79 -4.10 -9.14
CA TYR A 207 1.27 -3.79 -10.47
C TYR A 207 2.23 -4.28 -11.54
N ASN A 208 1.70 -5.02 -12.51
CA ASN A 208 2.47 -5.43 -13.67
C ASN A 208 1.53 -5.47 -14.87
N GLU A 209 2.10 -5.35 -16.06
CA GLU A 209 1.31 -5.23 -17.27
C GLU A 209 0.16 -6.24 -17.31
N LEU A 210 0.44 -7.50 -16.95
CA LEU A 210 -0.60 -8.52 -16.99
C LEU A 210 -1.69 -8.29 -15.95
N CYS A 211 -1.50 -7.37 -15.00
CA CYS A 211 -2.59 -7.05 -14.08
C CYS A 211 -3.72 -6.33 -14.81
N ASP A 212 -3.41 -5.64 -15.90
CA ASP A 212 -4.46 -5.05 -16.72
C ASP A 212 -5.32 -6.12 -17.38
N ILE A 213 -4.73 -7.29 -17.65
CA ILE A 213 -5.48 -8.39 -18.26
C ILE A 213 -6.50 -8.94 -17.26
N TRP A 214 -6.07 -9.18 -16.02
CA TRP A 214 -7.02 -9.58 -14.98
C TRP A 214 -8.10 -8.54 -14.81
N SER A 215 -7.71 -7.27 -14.70
CA SER A 215 -8.69 -6.20 -14.48
C SER A 215 -9.71 -6.16 -15.61
N LEU A 216 -9.31 -6.47 -16.84
CA LEU A 216 -10.26 -6.48 -17.94
C LEU A 216 -11.27 -7.60 -17.78
N GLY A 217 -10.81 -8.80 -17.40
CA GLY A 217 -11.74 -9.88 -17.10
C GLY A 217 -12.80 -9.47 -16.09
N ILE A 218 -12.37 -8.79 -15.02
CA ILE A 218 -13.32 -8.29 -14.03
C ILE A 218 -14.26 -7.28 -14.67
N THR A 219 -13.72 -6.41 -15.53
CA THR A 219 -14.56 -5.40 -16.18
C THR A 219 -15.62 -6.06 -17.04
N ALA A 220 -15.27 -7.14 -17.75
CA ALA A 220 -16.25 -7.83 -18.58
C ALA A 220 -17.42 -8.34 -17.73
N ILE A 221 -17.11 -8.84 -16.54
CA ILE A 221 -18.17 -9.23 -15.60
C ILE A 221 -18.94 -8.00 -15.17
N GLU A 222 -18.24 -6.90 -14.86
CA GLU A 222 -18.91 -5.66 -14.47
C GLU A 222 -19.90 -5.23 -15.53
N LEU A 223 -19.47 -5.21 -16.80
CA LEU A 223 -20.36 -4.80 -17.89
C LEU A 223 -21.52 -5.78 -18.05
N ALA A 224 -21.34 -7.03 -17.63
CA ALA A 224 -22.37 -8.04 -17.80
C ALA A 224 -23.36 -8.10 -16.64
N GLU A 225 -22.93 -7.72 -15.44
CA GLU A 225 -23.77 -7.81 -14.25
C GLU A 225 -23.91 -6.48 -13.51
N LEU A 226 -23.36 -5.40 -14.05
CA LEU A 226 -23.47 -4.04 -13.52
C LEU A 226 -22.67 -3.83 -12.23
N GLN A 227 -21.84 -4.80 -11.84
CA GLN A 227 -20.94 -4.61 -10.73
C GLN A 227 -19.91 -5.73 -10.74
N PRO A 228 -18.71 -5.50 -10.21
CA PRO A 228 -17.68 -6.54 -10.21
C PRO A 228 -17.99 -7.61 -9.17
N PRO A 229 -17.31 -8.75 -9.23
CA PRO A 229 -17.53 -9.80 -8.23
C PRO A 229 -17.25 -9.29 -6.83
N LEU A 230 -17.97 -9.85 -5.86
CA LEU A 230 -17.80 -9.56 -4.44
C LEU A 230 -18.15 -8.12 -4.08
N PHE A 231 -18.88 -7.42 -4.96
CA PHE A 231 -19.20 -6.02 -4.67
C PHE A 231 -20.10 -5.87 -3.45
N ASP A 232 -20.77 -6.94 -3.03
CA ASP A 232 -21.64 -6.90 -1.87
C ASP A 232 -20.90 -7.11 -0.56
N VAL A 233 -19.59 -7.32 -0.61
CA VAL A 233 -18.76 -7.48 0.57
C VAL A 233 -17.87 -6.26 0.69
N HIS A 234 -17.78 -5.69 1.89
CA HIS A 234 -17.05 -4.43 2.05
C HIS A 234 -15.57 -4.64 1.75
N PRO A 235 -14.87 -3.58 1.32
CA PRO A 235 -13.53 -3.77 0.77
C PRO A 235 -12.56 -4.53 1.67
N LEU A 236 -12.49 -4.18 2.96
CA LEU A 236 -11.53 -4.82 3.85
C LEU A 236 -11.67 -6.34 3.82
N ARG A 237 -12.90 -6.85 3.91
CA ARG A 237 -13.12 -8.29 3.89
C ARG A 237 -12.77 -8.89 2.53
N VAL A 238 -12.98 -8.15 1.45
CA VAL A 238 -12.64 -8.67 0.13
C VAL A 238 -11.14 -8.78 -0.04
N LEU A 239 -10.38 -7.82 0.53
CA LEU A 239 -8.93 -7.91 0.46
C LEU A 239 -8.43 -9.16 1.17
N PHE A 240 -9.01 -9.49 2.32
CA PHE A 240 -8.62 -10.72 3.00
C PHE A 240 -9.07 -11.96 2.23
N LEU A 241 -10.25 -11.91 1.61
CA LEU A 241 -10.72 -13.02 0.79
C LEU A 241 -9.81 -13.22 -0.41
N MET A 242 -9.50 -12.13 -1.12
CA MET A 242 -8.67 -12.23 -2.31
C MET A 242 -7.32 -12.88 -2.01
N THR A 243 -6.77 -12.63 -0.83
CA THR A 243 -5.43 -13.08 -0.49
C THR A 243 -5.42 -14.39 0.30
N LYS A 244 -6.55 -15.08 0.36
CA LYS A 244 -6.54 -16.44 0.90
C LYS A 244 -5.92 -17.38 -0.13
N SER A 245 -5.13 -18.33 0.35
CA SER A 245 -4.42 -19.25 -0.55
C SER A 245 -5.38 -19.88 -1.55
N GLY A 246 -6.55 -20.30 -1.09
CA GLY A 246 -7.50 -20.97 -1.95
C GLY A 246 -8.47 -20.04 -2.67
N TYR A 247 -8.14 -18.76 -2.72
CA TYR A 247 -8.97 -17.81 -3.44
C TYR A 247 -9.15 -18.27 -4.88
N GLN A 248 -10.41 -18.36 -5.32
CA GLN A 248 -10.68 -18.84 -6.67
C GLN A 248 -11.11 -17.67 -7.57
N PRO A 249 -10.65 -17.64 -8.82
CA PRO A 249 -11.06 -16.55 -9.73
C PRO A 249 -12.57 -16.52 -9.87
N PRO A 250 -13.18 -15.34 -9.84
CA PRO A 250 -14.64 -15.26 -9.99
C PRO A 250 -15.09 -15.70 -11.38
N ARG A 251 -16.40 -15.82 -11.52
CA ARG A 251 -17.02 -16.22 -12.77
C ARG A 251 -18.34 -15.47 -12.91
N LEU A 252 -18.92 -15.54 -14.11
CA LEU A 252 -20.26 -15.00 -14.31
C LEU A 252 -21.27 -15.85 -13.53
N LYS A 253 -22.27 -15.19 -12.96
CA LYS A 253 -23.21 -15.86 -12.07
C LYS A 253 -24.38 -16.51 -12.78
N GLU A 254 -24.70 -16.09 -14.01
CA GLU A 254 -25.79 -16.66 -14.79
C GLU A 254 -25.18 -17.44 -15.96
N LYS A 255 -25.09 -18.76 -15.80
CA LYS A 255 -24.44 -19.59 -16.81
C LYS A 255 -25.14 -19.47 -18.16
N GLY A 256 -26.43 -19.80 -18.21
CA GLY A 256 -27.12 -19.90 -19.48
C GLY A 256 -27.12 -18.62 -20.30
N LYS A 257 -26.96 -17.47 -19.65
CA LYS A 257 -27.09 -16.19 -20.34
C LYS A 257 -25.92 -15.90 -21.28
N TRP A 258 -24.84 -16.67 -21.21
CA TRP A 258 -23.61 -16.34 -21.92
C TRP A 258 -23.05 -17.57 -22.63
N SER A 259 -22.33 -17.32 -23.71
CA SER A 259 -21.75 -18.40 -24.50
C SER A 259 -20.53 -18.99 -23.81
N ALA A 260 -20.12 -20.17 -24.27
CA ALA A 260 -18.91 -20.79 -23.75
C ALA A 260 -17.69 -19.94 -24.04
N ALA A 261 -17.69 -19.20 -25.15
CA ALA A 261 -16.58 -18.32 -25.46
C ALA A 261 -16.41 -17.25 -24.40
N PHE A 262 -17.53 -16.62 -23.99
CA PHE A 262 -17.47 -15.59 -22.95
C PHE A 262 -16.96 -16.16 -21.64
N HIS A 263 -17.54 -17.29 -21.20
CA HIS A 263 -17.05 -17.93 -19.98
C HIS A 263 -15.56 -18.24 -20.09
N ASN A 264 -15.11 -18.73 -21.25
CA ASN A 264 -13.70 -19.05 -21.42
C ASN A 264 -12.84 -17.79 -21.38
N PHE A 265 -13.31 -16.71 -22.02
CA PHE A 265 -12.60 -15.44 -21.94
C PHE A 265 -12.38 -15.02 -20.50
N ILE A 266 -13.41 -15.15 -19.66
CA ILE A 266 -13.26 -14.83 -18.24
C ILE A 266 -12.25 -15.77 -17.60
N LYS A 267 -12.45 -17.08 -17.79
CA LYS A 267 -11.54 -18.08 -17.22
C LYS A 267 -10.08 -17.76 -17.55
N VAL A 268 -9.82 -17.42 -18.81
CA VAL A 268 -8.45 -17.24 -19.27
C VAL A 268 -7.87 -15.93 -18.75
N THR A 269 -8.63 -14.83 -18.88
CA THR A 269 -8.12 -13.54 -18.41
C THR A 269 -7.94 -13.54 -16.90
N LEU A 270 -8.82 -14.22 -16.17
CA LEU A 270 -8.74 -14.27 -14.71
C LEU A 270 -7.87 -15.40 -14.21
N THR A 271 -6.75 -15.66 -14.89
CA THR A 271 -5.78 -16.63 -14.39
C THR A 271 -5.09 -16.08 -13.16
N LYS A 272 -5.08 -16.87 -12.08
CA LYS A 272 -4.53 -16.40 -10.82
C LYS A 272 -3.05 -16.08 -10.93
N SER A 273 -2.29 -16.94 -11.60
CA SER A 273 -0.85 -16.78 -11.66
C SER A 273 -0.46 -15.81 -12.77
N PRO A 274 0.26 -14.73 -12.48
CA PRO A 274 0.65 -13.81 -13.56
C PRO A 274 1.51 -14.46 -14.62
N LYS A 275 2.38 -15.40 -14.24
CA LYS A 275 3.26 -16.02 -15.22
C LYS A 275 2.47 -16.75 -16.30
N LYS A 276 1.34 -17.36 -15.92
CA LYS A 276 0.51 -18.11 -16.85
C LYS A 276 -0.62 -17.29 -17.44
N ARG A 277 -0.71 -16.01 -17.12
CA ARG A 277 -1.76 -15.16 -17.68
C ARG A 277 -1.37 -14.69 -19.07
N PRO A 278 -2.29 -14.73 -20.03
CA PRO A 278 -1.94 -14.36 -21.41
C PRO A 278 -1.80 -12.85 -21.56
N SER A 279 -0.95 -12.45 -22.49
CA SER A 279 -0.70 -11.04 -22.75
C SER A 279 -1.87 -10.43 -23.53
N ALA A 280 -1.82 -9.11 -23.67
CA ALA A 280 -2.84 -8.42 -24.47
C ALA A 280 -2.78 -8.90 -25.92
N THR A 281 -1.58 -9.13 -26.45
CA THR A 281 -1.44 -9.58 -27.82
C THR A 281 -2.08 -10.94 -28.02
N LYS A 282 -1.74 -11.91 -27.17
CA LYS A 282 -2.32 -13.24 -27.30
C LYS A 282 -3.83 -13.21 -27.12
N MET A 283 -4.32 -12.43 -26.16
CA MET A 283 -5.75 -12.40 -25.91
C MET A 283 -6.52 -11.93 -27.14
N LEU A 284 -5.89 -11.18 -28.03
CA LEU A 284 -6.56 -10.68 -29.23
C LEU A 284 -6.90 -11.80 -30.21
N SER A 285 -6.33 -12.99 -30.04
CA SER A 285 -6.67 -14.14 -30.85
C SER A 285 -7.73 -15.03 -30.21
N HIS A 286 -8.36 -14.57 -29.14
CA HIS A 286 -9.39 -15.32 -28.45
C HIS A 286 -10.70 -15.25 -29.23
N GLN A 287 -11.45 -16.36 -29.20
CA GLN A 287 -12.67 -16.47 -29.99
C GLN A 287 -13.61 -15.29 -29.73
N LEU A 288 -13.73 -14.87 -28.47
CA LEU A 288 -14.74 -13.87 -28.14
C LEU A 288 -14.45 -12.52 -28.79
N VAL A 289 -13.17 -12.15 -28.88
CA VAL A 289 -12.82 -10.85 -29.46
C VAL A 289 -12.50 -10.94 -30.94
N SER A 290 -12.35 -12.14 -31.49
CA SER A 290 -12.07 -12.34 -32.91
C SER A 290 -13.31 -12.69 -33.71
N GLN A 291 -14.45 -12.88 -33.05
CA GLN A 291 -15.63 -13.40 -33.72
C GLN A 291 -16.16 -12.39 -34.73
N PRO A 292 -16.85 -12.85 -35.76
CA PRO A 292 -17.48 -11.92 -36.70
C PRO A 292 -18.59 -11.13 -36.03
N GLY A 293 -18.98 -10.03 -36.68
CA GLY A 293 -20.05 -9.21 -36.19
C GLY A 293 -19.66 -8.12 -35.21
N LEU A 294 -18.38 -8.03 -34.87
CA LEU A 294 -17.90 -6.98 -33.97
C LEU A 294 -17.60 -5.74 -34.83
N ASN A 295 -18.45 -4.72 -34.72
CA ASN A 295 -18.25 -3.48 -35.44
C ASN A 295 -18.75 -2.32 -34.59
N ARG A 296 -18.36 -1.11 -35.00
CA ARG A 296 -18.72 0.09 -34.23
C ARG A 296 -20.22 0.19 -34.03
N GLY A 297 -21.01 -0.35 -34.96
CA GLY A 297 -22.44 -0.32 -34.83
C GLY A 297 -22.90 -0.69 -33.44
N LEU A 298 -22.33 -1.78 -32.89
CA LEU A 298 -22.72 -2.24 -31.56
C LEU A 298 -22.69 -1.10 -30.54
N ILE A 299 -21.68 -0.23 -30.63
CA ILE A 299 -21.61 0.89 -29.70
C ILE A 299 -22.62 1.96 -30.10
N LEU A 300 -22.89 2.12 -31.39
CA LEU A 300 -23.86 3.12 -31.82
C LEU A 300 -25.27 2.75 -31.35
N ASP A 301 -25.59 1.45 -31.34
CA ASP A 301 -26.85 1.03 -30.74
C ASP A 301 -26.88 1.39 -29.26
N LEU A 302 -25.79 1.08 -28.54
CA LEU A 302 -25.73 1.38 -27.12
C LEU A 302 -25.92 2.86 -26.87
N LEU A 303 -25.28 3.71 -27.68
CA LEU A 303 -25.44 5.16 -27.49
C LEU A 303 -26.87 5.59 -27.78
N ASP A 304 -27.49 5.00 -28.80
CA ASP A 304 -28.90 5.29 -29.06
C ASP A 304 -29.75 4.91 -27.85
N LYS A 305 -29.55 3.71 -27.31
CA LYS A 305 -30.31 3.29 -26.14
C LYS A 305 -30.10 4.23 -24.98
N LEU A 306 -28.88 4.74 -24.81
CA LEU A 306 -28.61 5.67 -23.71
C LEU A 306 -29.35 6.99 -23.91
N LYS A 307 -29.35 7.52 -25.13
CA LYS A 307 -29.93 8.84 -25.36
C LYS A 307 -31.45 8.80 -25.46
N ASN A 308 -32.02 7.68 -25.93
CA ASN A 308 -33.45 7.61 -26.21
C ASN A 308 -34.16 6.47 -25.50
N GLY A 309 -33.45 5.61 -24.79
CA GLY A 309 -34.08 4.58 -24.01
C GLY A 309 -34.36 3.31 -24.78
N ASN A 310 -35.35 2.56 -24.29
CA ASN A 310 -35.74 1.29 -24.87
C ASN A 310 -35.67 1.25 -26.39
N PRO B 21 -8.46 -19.26 26.16
CA PRO B 21 -7.57 -18.18 26.61
C PRO B 21 -8.25 -17.23 27.60
N ASP B 22 -9.57 -17.37 27.72
CA ASP B 22 -10.37 -16.58 28.66
C ASP B 22 -10.21 -15.08 28.39
N ILE B 23 -10.76 -14.67 27.25
CA ILE B 23 -10.88 -13.25 26.91
C ILE B 23 -12.10 -12.71 27.64
N PHE B 24 -11.88 -11.91 28.67
CA PHE B 24 -12.98 -11.42 29.49
C PHE B 24 -13.92 -10.55 28.65
N ASN B 25 -15.17 -10.97 28.55
CA ASN B 25 -16.19 -10.22 27.81
C ASN B 25 -16.94 -9.25 28.72
N ARG B 26 -16.18 -8.50 29.52
CA ARG B 26 -16.72 -7.49 30.41
C ARG B 26 -16.14 -6.13 30.05
N ASP B 27 -16.79 -5.08 30.52
CA ASP B 27 -16.30 -3.73 30.30
C ASP B 27 -14.96 -3.55 31.02
N PRO B 28 -13.87 -3.30 30.30
CA PRO B 28 -12.59 -3.09 31.00
C PRO B 28 -12.54 -1.80 31.77
N ARG B 29 -13.36 -0.80 31.41
CA ARG B 29 -13.43 0.42 32.20
C ARG B 29 -13.88 0.17 33.62
N ASP B 30 -14.42 -1.02 33.92
CA ASP B 30 -14.80 -1.37 35.28
C ASP B 30 -13.61 -1.81 36.13
N HIS B 31 -12.47 -2.13 35.51
CA HIS B 31 -11.32 -2.64 36.21
C HIS B 31 -10.08 -1.75 36.09
N TYR B 32 -10.15 -0.66 35.32
CA TYR B 32 -8.99 0.20 35.13
C TYR B 32 -9.45 1.64 34.99
N ASP B 33 -8.63 2.56 35.50
CA ASP B 33 -8.86 3.99 35.36
C ASP B 33 -7.93 4.53 34.28
N LEU B 34 -8.51 4.97 33.16
CA LEU B 34 -7.70 5.51 32.07
C LEU B 34 -7.13 6.87 32.46
N LEU B 35 -5.82 7.02 32.35
CA LEU B 35 -5.12 8.22 32.79
C LEU B 35 -4.68 9.11 31.65
N GLN B 36 -4.11 8.57 30.59
CA GLN B 36 -3.64 9.40 29.48
C GLN B 36 -3.28 8.52 28.30
N ARG B 37 -3.58 9.00 27.09
CA ARG B 37 -3.17 8.32 25.88
C ARG B 37 -1.65 8.27 25.79
N LEU B 38 -1.15 7.35 24.95
CA LEU B 38 0.29 7.13 24.80
C LEU B 38 0.64 7.06 23.33
N GLY B 39 1.75 7.71 22.97
CA GLY B 39 2.33 7.58 21.64
C GLY B 39 1.96 8.67 20.67
N GLY B 40 0.96 9.49 20.98
CA GLY B 40 0.57 10.54 20.06
C GLY B 40 0.20 10.02 18.68
N GLY B 41 -0.46 8.87 18.62
CA GLY B 41 -0.95 8.31 17.38
C GLY B 41 -0.05 7.25 16.78
N THR B 42 1.25 7.30 17.04
CA THR B 42 2.16 6.33 16.44
C THR B 42 1.88 4.92 16.95
N TYR B 43 1.33 4.80 18.15
CA TYR B 43 0.95 3.51 18.72
C TYR B 43 -0.52 3.19 18.53
N GLY B 44 -1.26 4.06 17.84
CA GLY B 44 -2.71 3.89 17.73
C GLY B 44 -3.39 4.35 19.00
N GLU B 45 -4.34 3.55 19.48
CA GLU B 45 -5.11 3.87 20.68
C GLU B 45 -4.50 3.09 21.84
N VAL B 46 -3.70 3.78 22.65
CA VAL B 46 -3.00 3.18 23.77
C VAL B 46 -3.14 4.10 24.97
N PHE B 47 -3.38 3.52 26.14
CA PHE B 47 -3.63 4.28 27.35
C PHE B 47 -2.80 3.74 28.51
N LYS B 48 -2.22 4.67 29.28
CA LYS B 48 -1.66 4.34 30.58
C LYS B 48 -2.80 4.32 31.60
N ALA B 49 -3.00 3.17 32.24
CA ALA B 49 -4.13 2.97 33.14
C ALA B 49 -3.68 2.32 34.43
N ARG B 50 -4.56 2.36 35.43
CA ARG B 50 -4.29 1.82 36.75
C ARG B 50 -5.33 0.76 37.08
N ASP B 51 -4.88 -0.38 37.59
CA ASP B 51 -5.79 -1.41 38.07
C ASP B 51 -6.52 -0.92 39.31
N LYS B 52 -7.85 -0.81 39.23
CA LYS B 52 -8.63 -0.25 40.33
C LYS B 52 -8.45 -1.03 41.63
N VAL B 53 -8.05 -2.30 41.55
CA VAL B 53 -7.92 -3.13 42.74
C VAL B 53 -6.48 -3.10 43.24
N SER B 54 -5.56 -3.64 42.43
CA SER B 54 -4.17 -3.74 42.83
C SER B 54 -3.43 -2.42 42.75
N GLY B 55 -3.96 -1.44 42.00
CA GLY B 55 -3.29 -0.18 41.82
C GLY B 55 -2.13 -0.20 40.86
N ASP B 56 -1.73 -1.38 40.38
CA ASP B 56 -0.61 -1.46 39.44
C ASP B 56 -0.94 -0.72 38.15
N LEU B 57 0.08 -0.10 37.57
CA LEU B 57 -0.07 0.58 36.30
C LEU B 57 0.11 -0.41 35.15
N VAL B 58 -0.71 -0.27 34.12
CA VAL B 58 -0.69 -1.14 32.96
C VAL B 58 -0.80 -0.27 31.71
N ALA B 59 -0.57 -0.90 30.55
CA ALA B 59 -0.76 -0.26 29.26
C ALA B 59 -1.86 -1.01 28.52
N LEU B 60 -2.92 -0.31 28.15
CA LEU B 60 -4.03 -0.90 27.41
C LEU B 60 -3.95 -0.43 25.96
N LYS B 61 -3.93 -1.38 25.03
CA LYS B 61 -4.03 -1.08 23.61
C LYS B 61 -5.44 -1.42 23.16
N MET B 62 -6.16 -0.42 22.66
CA MET B 62 -7.55 -0.57 22.22
C MET B 62 -7.55 -0.80 20.71
N VAL B 63 -8.01 -1.97 20.29
CA VAL B 63 -8.04 -2.36 18.89
C VAL B 63 -9.49 -2.34 18.43
N LYS B 64 -9.77 -1.58 17.37
CA LYS B 64 -11.12 -1.52 16.81
C LYS B 64 -11.43 -2.83 16.11
N MET B 65 -12.50 -3.50 16.55
CA MET B 65 -12.93 -4.75 15.94
C MET B 65 -13.91 -4.47 14.81
N GLU B 66 -13.91 -5.34 13.84
CA GLU B 66 -14.93 -5.26 12.81
C GLU B 66 -16.12 -6.15 13.19
N PRO B 67 -17.34 -5.76 12.84
CA PRO B 67 -18.48 -6.66 13.10
C PRO B 67 -18.33 -8.01 12.44
N ASP B 68 -17.44 -8.14 11.45
CA ASP B 68 -17.19 -9.40 10.78
C ASP B 68 -16.22 -10.30 11.53
N ASP B 69 -15.43 -9.73 12.44
CA ASP B 69 -14.25 -10.42 12.95
C ASP B 69 -14.56 -11.84 13.40
N ASP B 70 -13.80 -12.79 12.86
CA ASP B 70 -13.91 -14.19 13.27
C ASP B 70 -13.33 -14.33 14.68
N VAL B 71 -14.19 -14.64 15.65
CA VAL B 71 -13.74 -14.72 17.03
C VAL B 71 -12.90 -15.97 17.27
N SER B 72 -13.13 -17.03 16.50
CA SER B 72 -12.33 -18.25 16.67
C SER B 72 -10.86 -17.98 16.34
N THR B 73 -10.60 -17.26 15.25
CA THR B 73 -9.23 -16.88 14.92
C THR B 73 -8.64 -16.00 16.03
N LEU B 74 -9.45 -15.12 16.61
CA LEU B 74 -8.95 -14.24 17.65
C LEU B 74 -8.50 -15.02 18.88
N GLN B 75 -9.33 -15.95 19.35
CA GLN B 75 -8.97 -16.74 20.51
C GLN B 75 -7.68 -17.53 20.26
N LYS B 76 -7.61 -18.22 19.12
CA LYS B 76 -6.39 -18.95 18.79
C LYS B 76 -5.17 -18.05 18.79
N GLU B 77 -5.34 -16.77 18.47
CA GLU B 77 -4.22 -15.86 18.43
C GLU B 77 -3.87 -15.30 19.80
N ILE B 78 -4.86 -15.15 20.68
CA ILE B 78 -4.59 -14.61 22.01
C ILE B 78 -3.91 -15.65 22.89
N LEU B 79 -4.29 -16.91 22.75
CA LEU B 79 -3.68 -17.96 23.57
C LEU B 79 -2.17 -17.99 23.38
N ILE B 80 -1.70 -17.78 22.16
CA ILE B 80 -0.26 -17.80 21.91
C ILE B 80 0.42 -16.66 22.68
N LEU B 81 -0.14 -15.46 22.60
CA LEU B 81 0.42 -14.34 23.34
C LEU B 81 0.29 -14.55 24.85
N LYS B 82 -0.76 -15.23 25.29
CA LYS B 82 -0.96 -15.47 26.72
C LYS B 82 0.10 -16.42 27.27
N THR B 83 0.30 -17.55 26.59
CA THR B 83 1.29 -18.53 27.02
C THR B 83 2.72 -18.12 26.70
N CYS B 84 2.93 -16.93 26.16
CA CYS B 84 4.28 -16.46 25.88
C CYS B 84 4.98 -16.12 27.18
N ARG B 85 6.23 -16.57 27.32
CA ARG B 85 7.03 -16.31 28.51
C ARG B 85 8.44 -15.84 28.12
N HIS B 86 8.57 -15.20 26.97
CA HIS B 86 9.87 -14.74 26.50
C HIS B 86 10.29 -13.47 27.24
N ALA B 87 11.57 -13.41 27.60
CA ALA B 87 12.08 -12.29 28.36
C ALA B 87 12.14 -11.00 27.55
N ASN B 88 12.08 -11.11 26.22
CA ASN B 88 12.20 -9.95 25.34
C ASN B 88 10.89 -9.60 24.65
N ILE B 89 9.77 -10.12 25.15
CA ILE B 89 8.45 -9.80 24.63
C ILE B 89 7.63 -9.22 25.77
N VAL B 90 6.95 -8.10 25.51
CA VAL B 90 6.13 -7.47 26.54
C VAL B 90 5.14 -8.49 27.09
N ALA B 91 5.02 -8.53 28.41
CA ALA B 91 4.16 -9.53 29.03
C ALA B 91 2.69 -9.27 28.70
N TYR B 92 1.93 -10.34 28.56
CA TYR B 92 0.48 -10.29 28.34
C TYR B 92 -0.20 -10.52 29.68
N HIS B 93 -1.06 -9.59 30.08
CA HIS B 93 -1.77 -9.68 31.35
C HIS B 93 -3.22 -10.11 31.20
N GLY B 94 -3.79 -10.01 30.00
CA GLY B 94 -5.18 -10.32 29.78
C GLY B 94 -5.78 -9.40 28.75
N SER B 95 -6.96 -9.73 28.25
CA SER B 95 -7.61 -8.91 27.22
C SER B 95 -9.11 -8.84 27.51
N TYR B 96 -9.74 -7.83 26.93
CA TYR B 96 -11.17 -7.59 27.09
C TYR B 96 -11.77 -7.31 25.72
N LEU B 97 -12.99 -7.82 25.50
CA LEU B 97 -13.76 -7.56 24.29
C LEU B 97 -15.06 -6.89 24.71
N TRP B 98 -15.25 -5.64 24.28
CA TRP B 98 -16.40 -4.85 24.72
C TRP B 98 -16.73 -3.80 23.68
N LEU B 99 -18.00 -3.77 23.27
CA LEU B 99 -18.52 -2.74 22.38
C LEU B 99 -17.65 -2.61 21.13
N GLN B 100 -17.35 -3.74 20.51
CA GLN B 100 -16.63 -3.80 19.25
C GLN B 100 -15.19 -3.31 19.37
N LYS B 101 -14.61 -3.41 20.56
CA LYS B 101 -13.24 -3.01 20.81
C LYS B 101 -12.53 -4.11 21.57
N LEU B 102 -11.29 -4.40 21.19
CA LEU B 102 -10.44 -5.35 21.89
C LEU B 102 -9.39 -4.58 22.66
N TRP B 103 -9.44 -4.69 23.99
CA TRP B 103 -8.46 -4.07 24.87
C TRP B 103 -7.45 -5.14 25.31
N ILE B 104 -6.16 -4.82 25.19
CA ILE B 104 -5.08 -5.73 25.54
C ILE B 104 -4.31 -5.11 26.69
N CYS B 105 -4.27 -5.80 27.82
CA CYS B 105 -3.56 -5.32 29.00
C CYS B 105 -2.13 -5.83 28.99
N MET B 106 -1.18 -4.91 29.15
CA MET B 106 0.23 -5.22 29.14
C MET B 106 0.93 -4.45 30.25
N GLU B 107 2.19 -4.78 30.49
CA GLU B 107 3.00 -4.02 31.43
C GLU B 107 3.18 -2.59 30.92
N PHE B 108 3.37 -1.67 31.84
CA PHE B 108 3.62 -0.28 31.53
C PHE B 108 5.08 0.06 31.80
N CYS B 109 5.70 0.78 30.87
CA CYS B 109 7.10 1.19 30.98
C CYS B 109 7.12 2.69 31.23
N GLY B 110 7.46 3.08 32.46
CA GLY B 110 7.50 4.50 32.81
C GLY B 110 8.48 5.28 31.96
N ALA B 111 9.54 4.62 31.48
CA ALA B 111 10.53 5.27 30.63
C ALA B 111 10.13 5.28 29.16
N GLY B 112 9.11 4.51 28.78
CA GLY B 112 8.67 4.51 27.41
C GLY B 112 9.63 3.77 26.49
N SER B 113 9.71 4.25 25.25
CA SER B 113 10.54 3.65 24.23
C SER B 113 11.94 4.24 24.25
N LEU B 114 12.87 3.55 23.58
CA LEU B 114 14.22 4.08 23.44
C LEU B 114 14.20 5.45 22.78
N GLN B 115 13.24 5.70 21.89
CA GLN B 115 13.12 7.02 21.29
C GLN B 115 12.77 8.06 22.35
N ASP B 116 11.79 7.76 23.21
CA ASP B 116 11.46 8.67 24.28
C ASP B 116 12.65 8.95 25.18
N ILE B 117 13.63 8.03 25.21
CA ILE B 117 14.76 8.15 26.12
C ILE B 117 15.88 8.94 25.46
N TYR B 118 16.36 8.47 24.29
CA TYR B 118 17.52 9.12 23.68
C TYR B 118 17.22 10.56 23.25
N GLN B 119 15.94 10.93 23.14
CA GLN B 119 15.59 12.32 22.90
C GLN B 119 15.88 13.21 24.09
N VAL B 120 16.25 12.64 25.24
CA VAL B 120 16.61 13.38 26.43
C VAL B 120 18.05 13.13 26.84
N THR B 121 18.51 11.87 26.72
CA THR B 121 19.85 11.51 27.13
C THR B 121 20.88 11.74 26.04
N GLY B 122 20.47 11.86 24.79
CA GLY B 122 21.40 11.87 23.69
C GLY B 122 21.75 10.45 23.25
N SER B 123 22.69 10.37 22.32
CA SER B 123 23.05 9.09 21.73
C SER B 123 23.47 8.10 22.80
N LEU B 124 23.23 6.82 22.52
CA LEU B 124 23.64 5.74 23.41
C LEU B 124 25.08 5.35 23.14
N SER B 125 25.70 4.72 24.13
CA SER B 125 27.04 4.19 23.95
C SER B 125 26.99 2.91 23.11
N GLU B 126 28.14 2.53 22.58
CA GLU B 126 28.20 1.31 21.77
C GLU B 126 27.82 0.08 22.60
N LEU B 127 28.22 0.05 23.88
CA LEU B 127 27.89 -1.08 24.71
C LEU B 127 26.39 -1.13 24.99
N GLN B 128 25.76 0.02 25.23
CA GLN B 128 24.32 0.04 25.44
C GLN B 128 23.58 -0.37 24.17
N ILE B 129 24.06 0.09 23.01
CA ILE B 129 23.43 -0.31 21.75
C ILE B 129 23.65 -1.78 21.48
N SER B 130 24.82 -2.31 21.85
CA SER B 130 25.07 -3.74 21.68
C SER B 130 24.09 -4.57 22.51
N TYR B 131 23.84 -4.15 23.75
CA TYR B 131 22.89 -4.86 24.59
C TYR B 131 21.49 -4.80 23.98
N VAL B 132 21.07 -3.61 23.53
CA VAL B 132 19.76 -3.47 22.92
C VAL B 132 19.65 -4.36 21.68
N CYS B 133 20.75 -4.53 20.95
CA CYS B 133 20.70 -5.30 19.71
C CYS B 133 20.58 -6.80 19.99
N ARG B 134 21.30 -7.28 21.00
CA ARG B 134 21.19 -8.69 21.38
C ARG B 134 19.77 -9.01 21.85
N GLU B 135 19.21 -8.15 22.71
CA GLU B 135 17.89 -8.41 23.26
C GLU B 135 16.82 -8.36 22.18
N VAL B 136 16.89 -7.36 21.29
CA VAL B 136 15.94 -7.30 20.18
C VAL B 136 16.11 -8.52 19.29
N LEU B 137 17.35 -8.88 18.97
CA LEU B 137 17.58 -10.09 18.19
C LEU B 137 16.98 -11.32 18.87
N GLN B 138 17.11 -11.40 20.20
CA GLN B 138 16.48 -12.51 20.93
C GLN B 138 14.97 -12.49 20.73
N GLY B 139 14.35 -11.31 20.82
CA GLY B 139 12.90 -11.23 20.63
C GLY B 139 12.50 -11.53 19.19
N LEU B 140 13.28 -11.03 18.22
CA LEU B 140 12.99 -11.34 16.83
C LEU B 140 13.08 -12.83 16.56
N ALA B 141 14.13 -13.48 17.06
CA ALA B 141 14.27 -14.92 16.89
C ALA B 141 13.03 -15.65 17.35
N TYR B 142 12.42 -15.19 18.45
CA TYR B 142 11.20 -15.83 18.94
C TYR B 142 10.04 -15.61 17.98
N LEU B 143 9.82 -14.36 17.56
CA LEU B 143 8.70 -14.07 16.67
C LEU B 143 8.87 -14.77 15.32
N HIS B 144 10.09 -14.77 14.79
CA HIS B 144 10.35 -15.44 13.53
C HIS B 144 10.13 -16.95 13.65
N SER B 145 10.42 -17.52 14.81
CA SER B 145 10.17 -18.94 15.02
C SER B 145 8.68 -19.26 14.95
N GLN B 146 7.82 -18.28 15.25
CA GLN B 146 6.38 -18.43 15.17
C GLN B 146 5.82 -18.04 13.80
N LYS B 147 6.68 -17.82 12.80
CA LYS B 147 6.26 -17.37 11.48
C LYS B 147 5.65 -15.98 11.53
N LYS B 148 6.01 -15.19 12.54
CA LYS B 148 5.56 -13.81 12.67
C LYS B 148 6.68 -12.86 12.23
N ILE B 149 6.27 -11.73 11.65
CA ILE B 149 7.18 -10.68 11.22
C ILE B 149 6.79 -9.40 11.94
N HIS B 150 7.78 -8.73 12.54
CA HIS B 150 7.48 -7.53 13.31
C HIS B 150 7.12 -6.37 12.41
N ARG B 151 7.98 -6.06 11.43
CA ARG B 151 7.79 -5.05 10.39
C ARG B 151 8.02 -3.63 10.90
N ASP B 152 8.06 -3.40 12.21
CA ASP B 152 8.10 -2.05 12.75
C ASP B 152 9.24 -1.88 13.75
N ILE B 153 10.34 -2.59 13.54
CA ILE B 153 11.51 -2.48 14.41
C ILE B 153 12.07 -1.07 14.28
N LYS B 154 12.02 -0.31 15.37
CA LYS B 154 12.54 1.05 15.41
C LYS B 154 12.58 1.48 16.87
N GLY B 155 13.38 2.50 17.13
CA GLY B 155 13.53 2.98 18.51
C GLY B 155 12.19 3.26 19.16
N ALA B 156 11.25 3.82 18.40
CA ALA B 156 9.94 4.13 18.95
C ALA B 156 9.21 2.90 19.46
N ASN B 157 9.55 1.72 18.96
CA ASN B 157 8.83 0.49 19.26
C ASN B 157 9.67 -0.50 20.06
N ILE B 158 10.77 -0.05 20.64
CA ILE B 158 11.55 -0.84 21.59
C ILE B 158 11.34 -0.23 22.98
N LEU B 159 10.72 -0.99 23.87
CA LEU B 159 10.31 -0.49 25.18
C LEU B 159 11.31 -0.88 26.26
N ILE B 160 11.43 -0.03 27.27
CA ILE B 160 12.37 -0.20 28.37
C ILE B 160 11.60 -0.07 29.67
N ASN B 161 11.46 -1.18 30.40
CA ASN B 161 10.83 -1.12 31.71
C ASN B 161 11.83 -0.62 32.75
N ASP B 162 11.32 -0.34 33.95
CA ASP B 162 12.17 0.24 34.99
C ASP B 162 13.31 -0.67 35.40
N ALA B 163 13.21 -1.98 35.13
CA ALA B 163 14.27 -2.91 35.46
C ALA B 163 15.38 -2.94 34.40
N GLY B 164 15.25 -2.17 33.33
CA GLY B 164 16.28 -2.16 32.30
C GLY B 164 16.17 -3.28 31.29
N GLU B 165 15.02 -3.93 31.20
CA GLU B 165 14.83 -5.00 30.23
C GLU B 165 14.32 -4.42 28.91
N VAL B 166 14.76 -5.01 27.81
CA VAL B 166 14.40 -4.57 26.47
C VAL B 166 13.35 -5.52 25.92
N ARG B 167 12.21 -4.98 25.51
CA ARG B 167 11.07 -5.80 25.11
C ARG B 167 10.48 -5.29 23.81
N LEU B 168 10.19 -6.20 22.90
CA LEU B 168 9.38 -5.93 21.72
C LEU B 168 7.92 -6.29 22.02
N ALA B 169 7.01 -5.66 21.29
CA ALA B 169 5.59 -5.94 21.40
C ALA B 169 5.17 -6.90 20.29
N ASP B 170 4.39 -7.92 20.66
CA ASP B 170 3.90 -8.93 19.72
C ASP B 170 2.40 -8.70 19.51
N PHE B 171 2.07 -7.96 18.44
CA PHE B 171 0.69 -7.71 18.05
C PHE B 171 0.33 -8.53 16.80
N GLY B 172 0.82 -9.77 16.75
CA GLY B 172 0.60 -10.61 15.58
C GLY B 172 -0.74 -11.32 15.58
N ILE B 173 -1.83 -10.55 15.57
CA ILE B 173 -3.18 -11.09 15.55
C ILE B 173 -3.93 -10.44 14.40
N SER B 174 -4.94 -11.16 13.90
CA SER B 174 -5.67 -10.72 12.72
C SER B 174 -6.42 -9.43 12.96
N ALA B 175 -7.03 -9.29 14.14
CA ALA B 175 -7.80 -8.09 14.43
C ALA B 175 -6.94 -6.83 14.32
N GLN B 176 -5.70 -6.89 14.82
CA GLN B 176 -4.80 -5.75 14.69
C GLN B 176 -4.43 -5.50 13.24
N ILE B 177 -4.13 -6.56 12.49
CA ILE B 177 -3.76 -6.39 11.08
C ILE B 177 -4.92 -5.75 10.31
N GLY B 178 -6.11 -6.31 10.47
CA GLY B 178 -7.28 -5.69 9.85
C GLY B 178 -7.54 -4.29 10.37
N ALA B 179 -7.32 -4.07 11.66
CA ALA B 179 -7.51 -2.75 12.24
C ALA B 179 -6.63 -1.72 11.54
N GLU B 180 -5.36 -2.04 11.34
CA GLU B 180 -4.44 -1.08 10.75
C GLU B 180 -4.71 -0.91 9.26
N LEU B 181 -5.16 -1.97 8.57
CA LEU B 181 -5.49 -1.84 7.16
C LEU B 181 -6.73 -0.98 6.96
N ALA B 182 -7.74 -1.16 7.82
CA ALA B 182 -8.94 -0.33 7.72
C ALA B 182 -8.61 1.15 7.81
N ARG B 183 -7.56 1.51 8.55
CA ARG B 183 -7.17 2.91 8.67
C ARG B 183 -6.48 3.42 7.41
N ARG B 184 -5.90 2.52 6.60
CA ARG B 184 -5.14 2.91 5.42
C ARG B 184 -5.89 2.62 4.13
N LEU B 185 -7.16 2.24 4.19
CA LEU B 185 -7.91 1.96 2.96
C LEU B 185 -8.09 3.22 2.11
N GLU B 186 -8.20 4.38 2.75
CA GLU B 186 -8.41 5.62 2.02
C GLU B 186 -7.28 5.92 1.04
N PHE B 187 -6.11 5.32 1.24
CA PHE B 187 -4.92 5.65 0.46
C PHE B 187 -4.57 4.58 -0.57
N ILE B 188 -5.44 3.61 -0.82
CA ILE B 188 -5.09 2.50 -1.71
C ILE B 188 -6.17 2.27 -2.77
N GLY B 189 -7.41 2.63 -2.47
CA GLY B 189 -8.48 2.54 -3.44
C GLY B 189 -9.25 1.24 -3.38
N THR B 190 -10.33 1.18 -4.16
CA THR B 190 -11.22 0.03 -4.15
C THR B 190 -10.50 -1.21 -4.68
N PRO B 191 -10.80 -2.40 -4.13
CA PRO B 191 -10.02 -3.57 -4.50
C PRO B 191 -10.68 -4.53 -5.50
N TYR B 192 -11.94 -4.30 -5.82
CA TYR B 192 -12.71 -5.30 -6.56
C TYR B 192 -12.07 -5.66 -7.89
N TRP B 193 -11.35 -4.73 -8.50
CA TRP B 193 -10.75 -4.95 -9.81
C TRP B 193 -9.28 -5.38 -9.74
N MET B 194 -8.69 -5.45 -8.56
CA MET B 194 -7.27 -5.72 -8.44
C MET B 194 -6.96 -7.20 -8.71
N ALA B 195 -5.82 -7.44 -9.36
CA ALA B 195 -5.35 -8.79 -9.58
C ALA B 195 -4.82 -9.36 -8.26
N PRO B 196 -4.76 -10.69 -8.14
CA PRO B 196 -4.26 -11.28 -6.89
C PRO B 196 -2.91 -10.75 -6.47
N GLU B 197 -1.97 -10.64 -7.40
CA GLU B 197 -0.63 -10.15 -7.06
C GLU B 197 -0.68 -8.74 -6.50
N VAL B 198 -1.66 -7.94 -6.94
CA VAL B 198 -1.77 -6.57 -6.43
C VAL B 198 -2.36 -6.58 -5.03
N ALA B 199 -3.37 -7.42 -4.79
CA ALA B 199 -3.95 -7.50 -3.45
C ALA B 199 -2.95 -8.07 -2.45
N ALA B 200 -2.17 -9.07 -2.87
CA ALA B 200 -1.17 -9.65 -1.98
C ALA B 200 -0.18 -8.60 -1.50
N VAL B 201 0.28 -7.73 -2.40
CA VAL B 201 1.28 -6.74 -2.03
C VAL B 201 0.69 -5.70 -1.10
N ALA B 202 -0.55 -5.27 -1.36
CA ALA B 202 -1.19 -4.28 -0.51
C ALA B 202 -1.34 -4.78 0.92
N LEU B 203 -1.39 -6.10 1.11
CA LEU B 203 -1.49 -6.71 2.44
C LEU B 203 -0.14 -7.17 2.96
N LYS B 204 0.91 -6.43 2.63
CA LYS B 204 2.24 -6.60 3.22
C LYS B 204 2.92 -7.90 2.79
N GLY B 205 2.54 -8.44 1.63
CA GLY B 205 3.24 -9.59 1.09
C GLY B 205 4.42 -9.18 0.21
N GLY B 206 5.26 -10.16 -0.10
CA GLY B 206 6.36 -9.97 -1.02
C GLY B 206 7.75 -9.94 -0.41
N TYR B 207 7.89 -10.12 0.90
CA TYR B 207 9.19 -10.11 1.52
C TYR B 207 9.21 -11.06 2.70
N ASN B 208 10.34 -11.12 3.40
CA ASN B 208 10.63 -12.13 4.40
C ASN B 208 10.66 -11.51 5.79
N GLU B 209 10.84 -12.38 6.79
CA GLU B 209 11.09 -11.93 8.15
C GLU B 209 12.44 -11.26 8.28
N LEU B 210 13.37 -11.54 7.36
CA LEU B 210 14.70 -10.94 7.42
C LEU B 210 14.64 -9.42 7.30
N CYS B 211 13.52 -8.86 6.84
CA CYS B 211 13.40 -7.41 6.79
C CYS B 211 13.55 -6.79 8.17
N ASP B 212 13.22 -7.55 9.22
CA ASP B 212 13.42 -7.04 10.58
C ASP B 212 14.90 -6.93 10.92
N ILE B 213 15.73 -7.81 10.36
CA ILE B 213 17.17 -7.72 10.59
C ILE B 213 17.70 -6.40 10.02
N TRP B 214 17.20 -6.00 8.85
CA TRP B 214 17.56 -4.69 8.31
C TRP B 214 17.09 -3.57 9.22
N SER B 215 15.83 -3.64 9.66
CA SER B 215 15.27 -2.57 10.48
C SER B 215 16.03 -2.41 11.79
N LEU B 216 16.62 -3.48 12.30
CA LEU B 216 17.42 -3.37 13.52
C LEU B 216 18.76 -2.72 13.24
N GLY B 217 19.35 -3.00 12.07
CA GLY B 217 20.58 -2.33 11.70
C GLY B 217 20.39 -0.83 11.56
N ILE B 218 19.29 -0.42 10.93
CA ILE B 218 18.94 0.99 10.90
C ILE B 218 18.72 1.50 12.33
N THR B 219 18.06 0.69 13.16
CA THR B 219 17.80 1.09 14.53
C THR B 219 19.11 1.29 15.29
N ALA B 220 20.06 0.37 15.13
CA ALA B 220 21.37 0.56 15.75
C ALA B 220 21.95 1.91 15.38
N ILE B 221 21.92 2.27 14.10
CA ILE B 221 22.35 3.60 13.68
C ILE B 221 21.48 4.68 14.32
N GLU B 222 20.17 4.44 14.37
CA GLU B 222 19.26 5.41 15.01
C GLU B 222 19.69 5.69 16.44
N LEU B 223 19.99 4.64 17.21
CA LEU B 223 20.35 4.83 18.61
C LEU B 223 21.70 5.54 18.76
N ALA B 224 22.57 5.46 17.76
CA ALA B 224 23.90 6.04 17.85
C ALA B 224 23.96 7.47 17.31
N GLU B 225 23.06 7.85 16.41
CA GLU B 225 23.07 9.18 15.81
C GLU B 225 21.78 9.95 16.03
N LEU B 226 20.80 9.37 16.74
CA LEU B 226 19.53 9.99 17.05
C LEU B 226 18.62 10.12 15.83
N GLN B 227 18.97 9.47 14.72
CA GLN B 227 18.21 9.61 13.49
C GLN B 227 18.53 8.44 12.59
N PRO B 228 17.55 7.88 11.88
CA PRO B 228 17.86 6.89 10.85
C PRO B 228 18.58 7.55 9.68
N PRO B 229 19.33 6.80 8.89
CA PRO B 229 19.97 7.41 7.72
C PRO B 229 18.93 8.07 6.83
N LEU B 230 19.31 9.21 6.27
CA LEU B 230 18.51 9.95 5.30
C LEU B 230 17.24 10.55 5.92
N PHE B 231 17.20 10.69 7.25
CA PHE B 231 16.02 11.27 7.88
C PHE B 231 15.77 12.70 7.43
N ASP B 232 16.82 13.39 7.00
CA ASP B 232 16.70 14.77 6.52
C ASP B 232 16.27 14.84 5.06
N VAL B 233 15.77 13.75 4.50
CA VAL B 233 15.33 13.70 3.12
C VAL B 233 13.85 13.34 3.08
N HIS B 234 13.16 13.82 2.06
CA HIS B 234 11.73 13.56 1.93
C HIS B 234 11.49 12.06 1.82
N PRO B 235 10.53 11.51 2.57
CA PRO B 235 10.33 10.05 2.52
C PRO B 235 10.14 9.48 1.12
N LEU B 236 9.43 10.19 0.25
CA LEU B 236 9.27 9.72 -1.13
C LEU B 236 10.62 9.60 -1.83
N ARG B 237 11.45 10.66 -1.73
CA ARG B 237 12.74 10.63 -2.39
C ARG B 237 13.63 9.53 -1.84
N VAL B 238 13.54 9.27 -0.53
CA VAL B 238 14.28 8.17 0.06
C VAL B 238 13.89 6.85 -0.61
N LEU B 239 12.58 6.58 -0.67
CA LEU B 239 12.09 5.35 -1.29
C LEU B 239 12.71 5.14 -2.67
N PHE B 240 12.62 6.17 -3.53
CA PHE B 240 13.19 6.08 -4.87
C PHE B 240 14.67 5.68 -4.80
N LEU B 241 15.42 6.31 -3.89
CA LEU B 241 16.84 6.00 -3.77
C LEU B 241 17.05 4.54 -3.40
N MET B 242 16.28 4.04 -2.42
CA MET B 242 16.43 2.64 -2.01
C MET B 242 16.19 1.70 -3.18
N THR B 243 15.26 2.05 -4.08
CA THR B 243 14.96 1.20 -5.21
C THR B 243 15.93 1.40 -6.37
N LYS B 244 16.72 2.47 -6.35
CA LYS B 244 17.74 2.65 -7.39
C LYS B 244 18.71 1.48 -7.37
N SER B 245 19.25 1.17 -8.55
CA SER B 245 20.12 0.00 -8.69
C SER B 245 21.29 0.06 -7.71
N GLY B 246 22.13 1.09 -7.83
CA GLY B 246 23.37 1.14 -7.09
C GLY B 246 23.24 1.66 -5.67
N TYR B 247 22.06 1.54 -5.08
CA TYR B 247 21.85 2.03 -3.72
C TYR B 247 22.89 1.43 -2.77
N GLN B 248 23.56 2.29 -2.03
CA GLN B 248 24.55 1.84 -1.05
C GLN B 248 23.90 1.70 0.31
N PRO B 249 24.03 0.55 0.97
CA PRO B 249 23.52 0.42 2.34
C PRO B 249 24.17 1.45 3.25
N PRO B 250 23.40 2.10 4.13
CA PRO B 250 23.97 3.14 4.97
C PRO B 250 25.01 2.59 5.94
N ARG B 251 25.80 3.51 6.49
CA ARG B 251 26.81 3.18 7.48
C ARG B 251 26.77 4.23 8.58
N LEU B 252 27.58 4.01 9.61
CA LEU B 252 27.75 5.01 10.66
C LEU B 252 28.60 6.17 10.14
N LYS B 253 28.24 7.38 10.55
CA LYS B 253 28.89 8.57 10.01
C LYS B 253 30.33 8.68 10.48
N GLU B 254 30.53 8.80 11.79
CA GLU B 254 31.87 8.97 12.36
C GLU B 254 32.49 7.59 12.57
N LYS B 255 33.47 7.23 11.73
CA LYS B 255 34.04 5.90 11.79
C LYS B 255 34.85 5.69 13.07
N GLY B 256 35.64 6.69 13.46
CA GLY B 256 36.49 6.53 14.63
C GLY B 256 35.72 6.29 15.91
N LYS B 257 34.49 6.80 15.99
CA LYS B 257 33.72 6.72 17.21
C LYS B 257 33.32 5.29 17.59
N TRP B 258 33.26 4.38 16.61
CA TRP B 258 32.71 3.06 16.83
C TRP B 258 33.74 1.98 16.51
N SER B 259 33.57 0.83 17.16
CA SER B 259 34.48 -0.29 17.01
C SER B 259 34.31 -0.93 15.63
N ALA B 260 35.29 -1.77 15.28
CA ALA B 260 35.20 -2.53 14.04
C ALA B 260 34.04 -3.51 14.07
N ALA B 261 33.69 -4.01 15.27
CA ALA B 261 32.60 -4.96 15.38
C ALA B 261 31.25 -4.28 15.14
N PHE B 262 31.07 -3.07 15.67
CA PHE B 262 29.83 -2.34 15.43
C PHE B 262 29.67 -2.02 13.95
N HIS B 263 30.75 -1.58 13.30
CA HIS B 263 30.70 -1.32 11.86
C HIS B 263 30.33 -2.59 11.10
N ASN B 264 30.92 -3.73 11.47
CA ASN B 264 30.58 -4.98 10.81
C ASN B 264 29.15 -5.37 11.10
N PHE B 265 28.70 -5.21 12.34
CA PHE B 265 27.30 -5.48 12.68
C PHE B 265 26.37 -4.72 11.75
N ILE B 266 26.66 -3.44 11.51
CA ILE B 266 25.85 -2.66 10.57
C ILE B 266 25.98 -3.23 9.18
N LYS B 267 27.19 -3.62 8.78
CA LYS B 267 27.42 -4.09 7.42
C LYS B 267 26.60 -5.34 7.12
N VAL B 268 26.59 -6.30 8.05
CA VAL B 268 25.92 -7.57 7.79
C VAL B 268 24.41 -7.43 7.93
N THR B 269 23.95 -6.69 8.94
CA THR B 269 22.51 -6.49 9.11
C THR B 269 21.92 -5.72 7.94
N LEU B 270 22.67 -4.79 7.36
CA LEU B 270 22.22 -4.01 6.20
C LEU B 270 22.68 -4.63 4.89
N THR B 271 22.65 -5.96 4.79
CA THR B 271 22.90 -6.63 3.52
C THR B 271 21.74 -6.36 2.57
N LYS B 272 22.07 -5.92 1.34
CA LYS B 272 21.04 -5.55 0.38
C LYS B 272 20.12 -6.72 0.08
N SER B 273 20.65 -7.80 -0.46
CA SER B 273 19.83 -8.94 -0.83
C SER B 273 19.34 -9.67 0.41
N PRO B 274 18.04 -9.93 0.54
CA PRO B 274 17.57 -10.72 1.70
C PRO B 274 18.00 -12.17 1.67
N LYS B 275 18.31 -12.72 0.50
CA LYS B 275 18.79 -14.10 0.43
C LYS B 275 20.13 -14.28 1.13
N LYS B 276 20.87 -13.21 1.34
CA LYS B 276 22.16 -13.26 2.01
C LYS B 276 22.14 -12.63 3.40
N ARG B 277 21.09 -11.92 3.77
CA ARG B 277 21.01 -11.31 5.08
C ARG B 277 20.85 -12.40 6.14
N PRO B 278 21.69 -12.43 7.16
CA PRO B 278 21.59 -13.50 8.16
C PRO B 278 20.33 -13.39 8.99
N SER B 279 19.93 -14.52 9.55
CA SER B 279 18.74 -14.59 10.38
C SER B 279 19.01 -14.04 11.78
N ALA B 280 17.92 -13.82 12.52
CA ALA B 280 18.06 -13.32 13.89
C ALA B 280 18.94 -14.24 14.72
N THR B 281 18.72 -15.55 14.60
CA THR B 281 19.51 -16.51 15.35
C THR B 281 20.98 -16.45 14.93
N LYS B 282 21.23 -16.36 13.63
CA LYS B 282 22.61 -16.32 13.16
C LYS B 282 23.33 -15.06 13.61
N MET B 283 22.60 -13.96 13.77
CA MET B 283 23.23 -12.70 14.18
C MET B 283 23.63 -12.72 15.65
N LEU B 284 22.90 -13.46 16.49
CA LEU B 284 23.23 -13.52 17.90
C LEU B 284 24.64 -14.07 18.15
N SER B 285 25.27 -14.65 17.13
CA SER B 285 26.66 -15.09 17.22
C SER B 285 27.65 -14.01 16.82
N HIS B 286 27.18 -12.85 16.36
CA HIS B 286 28.09 -11.78 15.98
C HIS B 286 28.82 -11.25 17.22
N GLN B 287 30.07 -10.82 17.01
CA GLN B 287 30.90 -10.40 18.12
C GLN B 287 30.23 -9.29 18.93
N LEU B 288 29.63 -8.31 18.27
CA LEU B 288 29.06 -7.18 18.98
C LEU B 288 28.04 -7.62 20.00
N VAL B 289 27.23 -8.63 19.68
CA VAL B 289 26.15 -9.05 20.56
C VAL B 289 26.50 -10.26 21.42
N SER B 290 27.62 -10.93 21.13
CA SER B 290 28.08 -12.06 21.94
C SER B 290 29.23 -11.67 22.87
N GLN B 291 29.53 -10.38 23.00
CA GLN B 291 30.63 -9.97 23.86
C GLN B 291 30.17 -9.97 25.32
N PRO B 292 31.02 -10.41 26.24
CA PRO B 292 30.61 -10.43 27.66
C PRO B 292 30.46 -9.02 28.21
N GLY B 293 29.76 -8.94 29.33
CA GLY B 293 29.50 -7.67 29.97
C GLY B 293 28.25 -6.96 29.52
N LEU B 294 27.37 -7.63 28.78
CA LEU B 294 26.12 -7.04 28.33
C LEU B 294 25.01 -7.49 29.27
N ASN B 295 24.51 -6.57 30.09
CA ASN B 295 23.44 -6.85 31.04
C ASN B 295 22.66 -5.57 31.29
N ARG B 296 21.48 -5.72 31.90
CA ARG B 296 20.59 -4.59 32.10
C ARG B 296 21.23 -3.46 32.89
N GLY B 297 22.36 -3.71 33.55
CA GLY B 297 23.07 -2.63 34.20
C GLY B 297 23.37 -1.48 33.26
N LEU B 298 23.66 -1.80 32.00
CA LEU B 298 23.90 -0.75 31.01
C LEU B 298 22.69 0.15 30.86
N ILE B 299 21.49 -0.44 30.83
CA ILE B 299 20.27 0.35 30.65
C ILE B 299 19.89 1.07 31.94
N LEU B 300 20.08 0.41 33.09
CA LEU B 300 19.82 1.07 34.36
C LEU B 300 20.65 2.33 34.51
N ASP B 301 21.84 2.36 33.90
CA ASP B 301 22.62 3.60 33.89
C ASP B 301 21.99 4.63 32.96
N LEU B 302 21.53 4.20 31.77
CA LEU B 302 20.87 5.12 30.87
C LEU B 302 19.61 5.70 31.52
N LEU B 303 18.87 4.86 32.26
CA LEU B 303 17.67 5.35 32.94
C LEU B 303 18.03 6.35 34.02
N ASP B 304 19.11 6.12 34.75
CA ASP B 304 19.58 7.11 35.72
C ASP B 304 19.93 8.41 35.00
N LYS B 305 20.71 8.33 33.92
CA LYS B 305 21.01 9.50 33.12
C LYS B 305 19.74 10.21 32.67
N LEU B 306 18.71 9.43 32.33
CA LEU B 306 17.42 10.01 31.95
C LEU B 306 16.78 10.74 33.12
N LYS B 307 16.98 10.24 34.34
CA LYS B 307 16.31 10.83 35.51
C LYS B 307 16.98 12.12 35.95
N ASN B 308 18.32 12.18 35.88
CA ASN B 308 19.05 13.34 36.39
C ASN B 308 20.36 13.52 35.61
N GLY B 309 20.21 13.90 34.34
CA GLY B 309 21.31 14.32 33.51
C GLY B 309 22.64 13.62 33.69
N ASN B 310 23.73 14.35 33.47
CA ASN B 310 25.08 13.78 33.52
C ASN B 310 25.22 12.75 32.40
#